data_3FQ6
#
_entry.id   3FQ6
#
_cell.length_a   44.321
_cell.length_b   70.919
_cell.length_c   86.908
_cell.angle_alpha   90.00
_cell.angle_beta   90.00
_cell.angle_gamma   90.00
#
_symmetry.space_group_name_H-M   'P 21 21 21'
#
loop_
_entity.id
_entity.type
_entity.pdbx_description
1 polymer Methyltransferase
2 non-polymer 'SULFATE ION'
3 water water
#
_entity_poly.entity_id   1
_entity_poly.type   'polypeptide(L)'
_entity_poly.pdbx_seq_one_letter_code
;SNATAFVPALVASGLPNEKFCFEGFLPQKKGRQTRLKALAEEHRT(MSE)VFYESPHRLLKTLTQFAEYFGTERQATVSR
EISKLHEETVRGSLAELIEHFTATEPRGEIVIVLAGIDD
;
_entity_poly.pdbx_strand_id   A,B
#
# COMPACT_ATOMS: atom_id res chain seq x y z
N ASN A 2 1.73 11.70 -5.56
CA ASN A 2 2.42 12.99 -5.84
C ASN A 2 3.09 13.52 -4.58
N ALA A 3 2.33 13.52 -3.47
CA ALA A 3 2.84 13.87 -2.17
C ALA A 3 3.45 12.59 -1.61
N THR A 4 4.50 12.09 -2.27
CA THR A 4 5.20 10.88 -1.81
C THR A 4 5.94 11.17 -0.52
N ALA A 5 5.14 11.51 0.49
CA ALA A 5 5.59 11.85 1.83
C ALA A 5 5.15 10.69 2.66
N PHE A 6 4.49 9.73 1.99
CA PHE A 6 3.68 8.76 2.73
C PHE A 6 4.50 7.71 3.42
N VAL A 7 5.49 7.19 2.72
CA VAL A 7 6.42 6.25 3.32
C VAL A 7 7.02 6.85 4.61
N PRO A 8 7.63 8.08 4.55
CA PRO A 8 8.09 8.67 5.83
C PRO A 8 6.97 8.69 6.89
N ALA A 9 5.76 9.08 6.50
CA ALA A 9 4.60 9.08 7.43
C ALA A 9 4.21 7.67 7.92
N LEU A 10 4.32 6.68 7.04
CA LEU A 10 3.99 5.31 7.42
C LEU A 10 4.89 4.84 8.54
N VAL A 11 6.20 4.96 8.34
CA VAL A 11 7.21 4.61 9.33
C VAL A 11 7.02 5.38 10.62
N ALA A 12 6.77 6.68 10.51
CA ALA A 12 6.70 7.58 11.67
C ALA A 12 5.45 7.36 12.53
N SER A 13 4.39 6.82 11.93
CA SER A 13 3.14 6.62 12.65
C SER A 13 3.17 5.65 13.82
N GLY A 14 4.13 4.74 13.88
CA GLY A 14 4.17 3.73 14.95
C GLY A 14 3.23 2.56 14.67
N LEU A 15 2.43 2.71 13.61
CA LEU A 15 1.43 1.72 13.19
C LEU A 15 1.98 0.54 12.37
N PRO A 16 1.35 -0.65 12.49
CA PRO A 16 1.81 -1.82 11.70
C PRO A 16 2.02 -1.44 10.23
N ASN A 17 3.14 -1.86 9.67
CA ASN A 17 3.48 -1.49 8.31
C ASN A 17 4.05 -2.64 7.50
N GLU A 18 4.02 -3.84 8.07
CA GLU A 18 4.41 -5.03 7.32
C GLU A 18 3.44 -5.18 6.14
N LYS A 19 2.19 -4.76 6.31
CA LYS A 19 1.25 -4.69 5.21
C LYS A 19 0.49 -3.42 5.37
N PHE A 20 -0.06 -2.92 4.28
CA PHE A 20 -0.91 -1.77 4.39
C PHE A 20 -1.64 -1.62 3.09
N CYS A 21 -2.67 -0.77 3.14
CA CYS A 21 -3.40 -0.39 1.95
C CYS A 21 -3.17 1.08 1.71
N PHE A 22 -2.83 1.42 0.48
CA PHE A 22 -2.78 2.80 0.05
C PHE A 22 -4.07 3.19 -0.73
N GLU A 23 -4.78 4.14 -0.12
CA GLU A 23 -6.06 4.64 -0.65
C GLU A 23 -5.97 5.90 -1.54
N GLY A 24 -5.00 6.79 -1.27
CA GLY A 24 -4.93 8.12 -1.91
C GLY A 24 -6.02 9.08 -1.43
N PHE A 25 -6.48 9.94 -2.32
CA PHE A 25 -7.68 10.73 -2.08
C PHE A 25 -8.95 9.89 -2.20
N LEU A 26 -9.79 9.94 -1.18
CA LEU A 26 -11.13 9.47 -1.32
C LEU A 26 -11.87 10.34 -2.35
N PRO A 27 -12.77 9.74 -3.12
CA PRO A 27 -13.54 10.60 -4.02
C PRO A 27 -14.42 11.56 -3.19
N GLN A 28 -14.81 12.68 -3.81
CA GLN A 28 -15.66 13.70 -3.16
C GLN A 28 -17.11 13.25 -2.96
N LYS A 29 -17.72 12.78 -4.05
CA LYS A 29 -19.13 12.43 -4.03
C LYS A 29 -19.38 10.97 -4.41
N LYS A 30 -19.74 10.71 -5.67
CA LYS A 30 -19.93 9.33 -6.14
C LYS A 30 -18.88 8.34 -5.61
N GLY A 31 -19.32 7.16 -5.19
CA GLY A 31 -18.40 6.09 -4.74
C GLY A 31 -17.61 6.30 -3.46
N ARG A 32 -17.82 7.43 -2.79
CA ARG A 32 -17.15 7.68 -1.51
C ARG A 32 -17.54 6.74 -0.35
N GLN A 33 -18.84 6.59 -0.15
CA GLN A 33 -19.41 5.86 0.98
C GLN A 33 -19.11 4.38 0.78
N THR A 34 -19.18 3.95 -0.48
CA THR A 34 -18.76 2.63 -0.90
C THR A 34 -17.33 2.32 -0.42
N ARG A 35 -16.41 3.27 -0.63
CA ARG A 35 -15.02 3.09 -0.20
C ARG A 35 -15.00 3.03 1.33
N LEU A 36 -15.72 3.96 1.95
CA LEU A 36 -15.75 3.98 3.41
C LEU A 36 -16.30 2.69 3.99
N LYS A 37 -17.35 2.13 3.39
CA LYS A 37 -17.93 0.91 3.92
C LYS A 37 -16.95 -0.27 3.84
N ALA A 38 -16.29 -0.40 2.70
CA ALA A 38 -15.25 -1.41 2.48
C ALA A 38 -14.07 -1.22 3.43
N LEU A 39 -13.69 0.06 3.64
CA LEU A 39 -12.53 0.37 4.48
C LEU A 39 -12.81 0.19 5.97
N ALA A 40 -14.09 0.21 6.36
CA ALA A 40 -14.53 -0.05 7.75
C ALA A 40 -14.19 -1.44 8.23
N GLU A 41 -14.06 -2.38 7.30
CA GLU A 41 -13.75 -3.77 7.66
C GLU A 41 -12.26 -4.09 7.63
N GLU A 42 -11.47 -3.16 7.08
CA GLU A 42 -10.07 -3.39 6.78
C GLU A 42 -9.21 -3.57 8.03
N HIS A 43 -8.46 -4.66 8.08
CA HIS A 43 -7.57 -4.92 9.20
C HIS A 43 -6.20 -4.27 9.03
N ARG A 44 -5.82 -3.98 7.78
CA ARG A 44 -4.50 -3.42 7.52
C ARG A 44 -4.48 -1.92 7.71
N THR A 45 -3.37 -1.40 8.20
CA THR A 45 -3.12 0.01 8.23
C THR A 45 -3.47 0.62 6.85
N VAL A 47 -3.63 4.33 4.28
CA VAL A 47 -2.88 5.57 4.01
C VAL A 47 -3.63 6.43 3.03
N PHE A 48 -3.96 7.67 3.44
CA PHE A 48 -4.72 8.62 2.60
C PHE A 48 -3.99 9.91 2.38
N TYR A 49 -4.31 10.53 1.24
CA TYR A 49 -4.01 11.92 1.03
C TYR A 49 -5.31 12.69 1.26
N GLU A 50 -5.22 13.87 1.86
CA GLU A 50 -6.38 14.75 1.92
C GLU A 50 -6.00 16.22 1.72
N SER A 51 -6.89 16.98 1.10
CA SER A 51 -6.67 18.41 0.99
C SER A 51 -6.87 19.04 2.36
N PRO A 52 -6.16 20.15 2.61
CA PRO A 52 -6.23 20.74 3.95
C PRO A 52 -7.63 21.27 4.29
N HIS A 53 -8.29 21.92 3.34
CA HIS A 53 -9.64 22.44 3.57
C HIS A 53 -10.62 21.31 3.84
N ARG A 54 -10.33 20.12 3.36
CA ARG A 54 -11.26 19.04 3.56
C ARG A 54 -10.93 18.18 4.72
N LEU A 55 -9.82 18.47 5.38
CA LEU A 55 -9.26 17.55 6.35
C LEU A 55 -10.18 17.25 7.52
N LEU A 56 -10.77 18.28 8.12
CA LEU A 56 -11.56 18.11 9.33
C LEU A 56 -12.86 17.32 9.07
N LYS A 57 -13.52 17.60 7.93
CA LYS A 57 -14.71 16.82 7.55
C LYS A 57 -14.37 15.35 7.43
N THR A 58 -13.18 15.07 6.89
CA THR A 58 -12.76 13.71 6.68
C THR A 58 -12.45 12.99 8.00
N LEU A 59 -11.72 13.63 8.90
CA LEU A 59 -11.46 13.04 10.21
C LEU A 59 -12.74 12.79 10.99
N THR A 60 -13.75 13.65 10.79
CA THR A 60 -15.05 13.49 11.46
C THR A 60 -15.80 12.29 10.88
N GLN A 61 -15.91 12.26 9.56
CA GLN A 61 -16.44 11.10 8.91
C GLN A 61 -15.73 9.79 9.24
N PHE A 62 -14.39 9.83 9.38
CA PHE A 62 -13.62 8.66 9.82
C PHE A 62 -14.01 8.22 11.23
N ALA A 63 -14.28 9.14 12.14
CA ALA A 63 -14.73 8.71 13.45
C ALA A 63 -16.09 8.01 13.31
N GLU A 64 -16.93 8.50 12.40
CA GLU A 64 -18.26 7.92 12.15
C GLU A 64 -18.07 6.45 11.75
N TYR A 65 -17.22 6.24 10.75
CA TYR A 65 -17.05 4.91 10.15
C TYR A 65 -16.09 3.95 10.85
N PHE A 66 -15.04 4.48 11.45
CA PHE A 66 -13.95 3.68 12.05
C PHE A 66 -13.97 3.70 13.56
N GLY A 67 -14.67 4.66 14.17
CA GLY A 67 -14.75 4.73 15.62
C GLY A 67 -13.86 5.84 16.15
N THR A 68 -14.31 6.50 17.23
CA THR A 68 -13.57 7.61 17.83
C THR A 68 -12.24 7.24 18.47
N GLU A 69 -12.07 5.99 18.88
CA GLU A 69 -10.78 5.61 19.46
C GLU A 69 -9.75 5.10 18.45
N ARG A 70 -10.11 5.09 17.18
CA ARG A 70 -9.17 4.56 16.20
C ARG A 70 -7.92 5.44 16.20
N GLN A 71 -6.75 4.82 16.17
CA GLN A 71 -5.51 5.56 16.15
C GLN A 71 -5.22 6.01 14.72
N ALA A 72 -4.70 7.22 14.61
CA ALA A 72 -4.21 7.74 13.34
C ALA A 72 -3.08 8.77 13.53
N THR A 73 -2.39 9.07 12.44
CA THR A 73 -1.50 10.23 12.39
C THR A 73 -1.79 11.11 11.18
N VAL A 74 -1.46 12.40 11.34
CA VAL A 74 -1.62 13.39 10.23
C VAL A 74 -0.27 14.02 10.05
N SER A 75 0.22 13.99 8.82
CA SER A 75 1.46 14.65 8.48
C SER A 75 1.13 15.76 7.54
N ARG A 76 1.65 16.94 7.86
CA ARG A 76 1.41 18.15 7.07
C ARG A 76 2.74 18.75 6.69
N GLU A 77 3.03 18.79 5.38
CA GLU A 77 4.08 19.63 4.77
C GLU A 77 3.54 21.03 4.84
N ILE A 78 4.06 21.87 5.71
CA ILE A 78 3.54 23.22 5.83
C ILE A 78 4.26 24.13 4.85
N SER A 79 5.43 23.69 4.43
CA SER A 79 6.23 24.38 3.44
C SER A 79 7.33 23.42 3.14
N LYS A 80 8.25 23.81 2.28
CA LYS A 80 9.41 23.00 2.00
C LYS A 80 10.34 22.92 3.22
N LEU A 81 10.34 23.99 4.02
CA LEU A 81 11.18 24.13 5.17
C LEU A 81 10.55 23.55 6.45
N HIS A 82 9.26 23.24 6.41
CA HIS A 82 8.54 23.04 7.65
C HIS A 82 7.48 21.93 7.56
N GLU A 83 7.54 20.98 8.50
CA GLU A 83 6.53 19.92 8.57
C GLU A 83 6.21 19.42 10.00
N GLU A 84 5.03 18.83 10.16
CA GLU A 84 4.57 18.38 11.48
C GLU A 84 3.82 17.06 11.42
N THR A 85 3.83 16.35 12.56
CA THR A 85 3.13 15.09 12.75
C THR A 85 2.19 15.27 13.92
N VAL A 86 0.95 14.81 13.74
CA VAL A 86 -0.03 14.82 14.84
C VAL A 86 -0.55 13.41 15.01
N ARG A 87 -0.49 12.93 16.25
CA ARG A 87 -0.80 11.55 16.61
C ARG A 87 -1.92 11.47 17.63
N GLY A 88 -2.70 10.40 17.58
CA GLY A 88 -3.62 10.07 18.64
C GLY A 88 -4.81 9.39 18.03
N SER A 89 -5.87 9.27 18.82
CA SER A 89 -7.15 8.79 18.33
C SER A 89 -7.75 9.84 17.42
N LEU A 90 -8.66 9.41 16.57
CA LEU A 90 -9.47 10.28 15.74
C LEU A 90 -10.20 11.35 16.55
N ALA A 91 -10.72 11.04 17.74
CA ALA A 91 -11.37 12.11 18.57
C ALA A 91 -10.37 13.19 18.96
N GLU A 92 -9.14 12.79 19.27
CA GLU A 92 -8.10 13.78 19.62
C GLU A 92 -7.65 14.53 18.41
N LEU A 93 -7.74 13.90 17.24
CA LEU A 93 -7.27 14.49 16.01
C LEU A 93 -8.25 15.54 15.56
N ILE A 94 -9.54 15.23 15.69
CA ILE A 94 -10.63 16.19 15.41
C ILE A 94 -10.58 17.39 16.36
N GLU A 95 -10.35 17.15 17.65
CA GLU A 95 -10.13 18.29 18.56
C GLU A 95 -8.97 19.12 18.09
N HIS A 96 -7.92 18.46 17.63
CA HIS A 96 -6.72 19.20 17.26
C HIS A 96 -6.99 20.11 16.07
N PHE A 97 -7.68 19.60 15.06
CA PHE A 97 -7.82 20.37 13.83
C PHE A 97 -9.10 21.18 13.77
N THR A 98 -9.86 21.17 14.84
CA THR A 98 -10.96 22.13 14.96
C THR A 98 -10.35 23.45 15.43
N ALA A 99 -9.38 23.35 16.34
CA ALA A 99 -8.57 24.49 16.78
C ALA A 99 -7.92 25.29 15.61
N THR A 100 -6.85 24.74 15.02
CA THR A 100 -6.04 25.41 13.97
C THR A 100 -6.45 25.05 12.53
N GLU A 101 -6.41 26.03 11.63
CA GLU A 101 -6.63 25.82 10.18
C GLU A 101 -5.57 24.98 9.44
N PRO A 102 -5.99 23.84 8.85
CA PRO A 102 -4.97 23.07 8.15
C PRO A 102 -4.58 23.84 6.91
N ARG A 103 -3.29 24.05 6.77
CA ARG A 103 -2.70 24.57 5.56
C ARG A 103 -1.73 23.43 5.20
N GLY A 104 -1.29 23.34 3.94
CA GLY A 104 -0.25 22.42 3.53
C GLY A 104 -0.73 21.10 2.95
N GLU A 105 0.21 20.17 2.72
CA GLU A 105 -0.08 18.87 2.09
C GLU A 105 -0.18 17.80 3.16
N ILE A 106 -1.24 17.01 3.11
CA ILE A 106 -1.61 16.13 4.21
C ILE A 106 -1.48 14.65 3.83
N VAL A 107 -0.93 13.87 4.75
CA VAL A 107 -1.05 12.42 4.70
C VAL A 107 -1.64 11.91 6.03
N ILE A 108 -2.69 11.11 5.93
CA ILE A 108 -3.29 10.45 7.09
C ILE A 108 -2.91 8.94 7.04
N VAL A 109 -2.42 8.41 8.16
CA VAL A 109 -2.10 7.02 8.32
C VAL A 109 -3.08 6.54 9.38
N LEU A 110 -3.92 5.57 9.01
CA LEU A 110 -5.02 5.12 9.86
C LEU A 110 -4.87 3.65 10.29
N ALA A 111 -4.86 3.39 11.60
CA ALA A 111 -4.90 1.99 12.11
C ALA A 111 -6.04 1.15 11.48
N GLY A 112 -5.74 -0.12 11.21
CA GLY A 112 -6.77 -1.04 10.78
C GLY A 112 -7.67 -1.48 11.92
N ILE A 113 -8.67 -2.26 11.56
CA ILE A 113 -9.54 -2.87 12.55
C ILE A 113 -8.71 -3.57 13.62
N ASP A 114 -9.15 -3.41 14.86
CA ASP A 114 -8.45 -3.95 16.00
C ASP A 114 -9.08 -5.25 16.53
N ASP A 115 -8.50 -6.39 16.16
CA ASP A 115 -8.84 -7.76 16.68
C ASP A 115 -8.27 -8.91 15.80
N SER B 1 12.15 -4.37 5.19
CA SER B 1 11.89 -3.16 4.36
C SER B 1 13.13 -2.81 3.52
N ASN B 2 13.18 -3.31 2.29
CA ASN B 2 13.86 -2.57 1.23
C ASN B 2 12.84 -1.52 0.76
N ALA B 3 12.67 -0.51 1.63
CA ALA B 3 11.54 0.44 1.62
C ALA B 3 11.74 1.65 0.70
N THR B 4 12.87 1.65 -0.02
CA THR B 4 13.09 2.52 -1.19
C THR B 4 13.11 1.66 -2.44
N ALA B 5 13.05 0.34 -2.23
CA ALA B 5 12.88 -0.58 -3.34
C ALA B 5 11.49 -0.47 -3.96
N PHE B 6 10.44 -0.51 -3.13
CA PHE B 6 9.10 -0.80 -3.68
C PHE B 6 8.41 0.30 -4.51
N VAL B 7 8.47 1.55 -4.03
CA VAL B 7 7.88 2.69 -4.74
C VAL B 7 8.48 2.88 -6.15
N PRO B 8 9.82 2.99 -6.29
CA PRO B 8 10.36 2.95 -7.64
C PRO B 8 9.83 1.79 -8.52
N ALA B 9 9.69 0.60 -7.94
CA ALA B 9 9.18 -0.55 -8.70
C ALA B 9 7.71 -0.36 -9.16
N LEU B 10 6.91 0.24 -8.26
CA LEU B 10 5.47 0.54 -8.46
C LEU B 10 5.30 1.52 -9.60
N VAL B 11 6.10 2.59 -9.55
CA VAL B 11 6.06 3.64 -10.55
C VAL B 11 6.46 3.02 -11.89
N ALA B 12 7.56 2.26 -11.88
CA ALA B 12 8.11 1.63 -13.08
C ALA B 12 7.22 0.57 -13.70
N SER B 13 6.30 -0.02 -12.92
CA SER B 13 5.46 -1.10 -13.44
C SER B 13 4.51 -0.68 -14.60
N GLY B 14 4.10 0.58 -14.62
CA GLY B 14 3.03 1.00 -15.52
C GLY B 14 1.64 0.52 -15.10
N LEU B 15 1.59 -0.33 -14.08
CA LEU B 15 0.34 -0.79 -13.48
C LEU B 15 -0.33 0.36 -12.70
N PRO B 16 -1.64 0.29 -12.46
CA PRO B 16 -2.30 1.38 -11.72
C PRO B 16 -1.84 1.48 -10.27
N ASN B 17 -1.56 2.69 -9.81
CA ASN B 17 -1.01 2.87 -8.48
C ASN B 17 -1.72 3.93 -7.65
N GLU B 18 -2.79 4.50 -8.20
CA GLU B 18 -3.62 5.40 -7.43
C GLU B 18 -4.09 4.75 -6.13
N LYS B 19 -4.21 3.42 -6.12
CA LYS B 19 -4.55 2.62 -4.96
C LYS B 19 -3.73 1.35 -5.12
N PHE B 20 -3.20 0.81 -4.03
CA PHE B 20 -2.54 -0.50 -4.08
C PHE B 20 -2.50 -1.15 -2.69
N CYS B 21 -2.22 -2.44 -2.66
CA CYS B 21 -2.05 -3.16 -1.41
C CYS B 21 -0.61 -3.57 -1.36
N PHE B 22 0.05 -3.17 -0.29
CA PHE B 22 1.35 -3.68 0.02
C PHE B 22 1.18 -4.88 0.93
N GLU B 23 1.70 -6.01 0.46
CA GLU B 23 1.67 -7.30 1.12
C GLU B 23 2.98 -7.65 1.81
N GLY B 24 4.11 -7.24 1.22
CA GLY B 24 5.42 -7.61 1.69
C GLY B 24 5.73 -9.06 1.37
N PHE B 25 6.31 -9.76 2.33
CA PHE B 25 6.59 -11.20 2.22
C PHE B 25 5.35 -11.98 2.56
N LEU B 26 4.98 -12.94 1.71
CA LEU B 26 3.90 -13.89 2.04
C LEU B 26 4.40 -14.85 3.11
N PRO B 27 3.49 -15.52 3.84
CA PRO B 27 4.08 -16.55 4.71
C PRO B 27 4.59 -17.70 3.83
N GLN B 28 5.64 -18.38 4.27
CA GLN B 28 6.15 -19.56 3.60
C GLN B 28 5.20 -20.72 3.87
N LYS B 29 5.02 -21.04 5.15
CA LYS B 29 4.26 -22.20 5.54
C LYS B 29 2.79 -21.86 5.79
N LYS B 30 2.34 -21.94 7.05
CA LYS B 30 0.92 -21.77 7.38
C LYS B 30 0.43 -20.37 7.04
N GLY B 31 -0.79 -20.30 6.54
CA GLY B 31 -1.39 -19.02 6.16
C GLY B 31 -1.23 -18.68 4.69
N ARG B 32 -0.13 -19.12 4.09
CA ARG B 32 0.15 -18.77 2.68
C ARG B 32 -1.06 -18.98 1.76
N GLN B 33 -1.69 -20.15 1.90
CA GLN B 33 -2.82 -20.54 1.06
C GLN B 33 -4.01 -19.57 1.18
N THR B 34 -4.32 -19.15 2.40
CA THR B 34 -5.50 -18.30 2.63
C THR B 34 -5.23 -16.86 2.24
N ARG B 35 -4.00 -16.42 2.47
CA ARG B 35 -3.55 -15.13 1.99
C ARG B 35 -3.72 -15.04 0.50
N LEU B 36 -3.38 -16.13 -0.17
CA LEU B 36 -3.51 -16.22 -1.61
C LEU B 36 -4.96 -16.24 -2.04
N LYS B 37 -5.77 -16.99 -1.30
CA LYS B 37 -7.22 -17.02 -1.51
C LYS B 37 -7.78 -15.59 -1.41
N ALA B 38 -7.49 -14.92 -0.29
CA ALA B 38 -7.96 -13.56 -0.06
C ALA B 38 -7.47 -12.63 -1.16
N LEU B 39 -6.21 -12.74 -1.56
CA LEU B 39 -5.66 -11.82 -2.55
C LEU B 39 -6.23 -12.00 -3.94
N ALA B 40 -6.72 -13.21 -4.22
CA ALA B 40 -7.30 -13.48 -5.54
C ALA B 40 -8.54 -12.60 -5.78
N GLU B 41 -9.16 -12.13 -4.70
CA GLU B 41 -10.39 -11.28 -4.75
C GLU B 41 -10.10 -9.80 -4.99
N GLU B 42 -8.82 -9.45 -4.96
CA GLU B 42 -8.36 -8.08 -4.93
C GLU B 42 -8.35 -7.39 -6.28
N HIS B 43 -9.07 -6.28 -6.33
CA HIS B 43 -9.09 -5.45 -7.51
C HIS B 43 -7.90 -4.51 -7.63
N ARG B 44 -7.23 -4.16 -6.52
CA ARG B 44 -6.05 -3.26 -6.61
C ARG B 44 -4.74 -3.97 -6.88
N THR B 45 -3.78 -3.22 -7.44
CA THR B 45 -2.42 -3.64 -7.59
C THR B 45 -1.88 -4.07 -6.24
N VAL B 47 1.76 -5.37 -4.05
CA VAL B 47 3.22 -5.30 -4.00
C VAL B 47 3.78 -6.32 -3.00
N PHE B 48 4.69 -7.17 -3.50
CA PHE B 48 5.27 -8.24 -2.69
C PHE B 48 6.79 -8.15 -2.66
N TYR B 49 7.35 -8.57 -1.54
CA TYR B 49 8.76 -8.91 -1.46
C TYR B 49 8.83 -10.41 -1.61
N GLU B 50 9.89 -10.88 -2.27
CA GLU B 50 10.20 -12.32 -2.25
C GLU B 50 11.72 -12.58 -2.21
N SER B 51 12.09 -13.67 -1.53
CA SER B 51 13.47 -14.03 -1.43
C SER B 51 13.86 -14.69 -2.79
N PRO B 52 15.11 -14.50 -3.28
CA PRO B 52 15.51 -14.92 -4.65
C PRO B 52 15.27 -16.40 -4.98
N HIS B 53 15.61 -17.32 -4.06
CA HIS B 53 15.41 -18.76 -4.31
C HIS B 53 13.93 -19.21 -4.39
N ARG B 54 13.00 -18.32 -4.05
CA ARG B 54 11.57 -18.63 -3.99
C ARG B 54 10.75 -17.97 -5.07
N LEU B 55 11.29 -16.92 -5.70
CA LEU B 55 10.60 -16.25 -6.82
C LEU B 55 9.81 -17.20 -7.75
N LEU B 56 10.46 -18.27 -8.19
CA LEU B 56 9.88 -19.10 -9.24
C LEU B 56 8.66 -19.90 -8.74
N LYS B 57 8.78 -20.56 -7.59
CA LYS B 57 7.67 -21.28 -6.95
C LYS B 57 6.52 -20.30 -6.71
N THR B 58 6.86 -19.07 -6.36
CA THR B 58 5.87 -18.05 -6.10
C THR B 58 5.19 -17.59 -7.38
N LEU B 59 5.97 -17.31 -8.42
CA LEU B 59 5.38 -16.92 -9.71
C LEU B 59 4.45 -17.99 -10.27
N THR B 60 4.75 -19.23 -9.92
CA THR B 60 4.03 -20.40 -10.43
C THR B 60 2.72 -20.53 -9.67
N GLN B 61 2.81 -20.31 -8.37
CA GLN B 61 1.67 -20.28 -7.48
C GLN B 61 0.71 -19.11 -7.80
N PHE B 62 1.30 -17.98 -8.16
CA PHE B 62 0.54 -16.83 -8.60
C PHE B 62 -0.24 -17.11 -9.88
N ALA B 63 0.39 -17.79 -10.84
CA ALA B 63 -0.34 -18.19 -12.03
C ALA B 63 -1.56 -19.02 -11.65
N GLU B 64 -1.42 -19.88 -10.63
CA GLU B 64 -2.52 -20.75 -10.15
C GLU B 64 -3.68 -19.96 -9.62
N TYR B 65 -3.37 -18.87 -8.92
CA TYR B 65 -4.42 -18.09 -8.25
C TYR B 65 -4.93 -16.90 -8.99
N PHE B 66 -4.09 -16.24 -9.78
CA PHE B 66 -4.48 -14.97 -10.39
C PHE B 66 -4.74 -15.10 -11.88
N GLY B 67 -4.37 -16.26 -12.43
CA GLY B 67 -4.45 -16.47 -13.86
C GLY B 67 -3.10 -16.22 -14.50
N THR B 68 -2.74 -17.11 -15.43
CA THR B 68 -1.51 -17.01 -16.22
C THR B 68 -1.39 -15.70 -17.03
N GLU B 69 -2.53 -15.07 -17.29
CA GLU B 69 -2.62 -13.82 -18.06
C GLU B 69 -2.40 -12.56 -17.22
N ARG B 70 -2.56 -12.66 -15.90
CA ARG B 70 -2.33 -11.49 -15.06
C ARG B 70 -0.95 -10.85 -15.33
N GLN B 71 -0.96 -9.55 -15.62
CA GLN B 71 0.26 -8.75 -15.79
C GLN B 71 0.99 -8.57 -14.45
N ALA B 72 2.32 -8.65 -14.50
CA ALA B 72 3.15 -8.31 -13.37
C ALA B 72 4.53 -7.73 -13.77
N THR B 73 5.26 -7.28 -12.74
CA THR B 73 6.61 -6.72 -12.84
C THR B 73 7.46 -7.40 -11.81
N VAL B 74 8.67 -7.79 -12.18
CA VAL B 74 9.61 -8.25 -11.15
C VAL B 74 10.80 -7.35 -11.20
N SER B 75 11.14 -6.77 -10.05
CA SER B 75 12.34 -5.94 -9.92
C SER B 75 13.38 -6.67 -9.12
N ARG B 76 14.57 -6.75 -9.70
CA ARG B 76 15.66 -7.43 -9.05
C ARG B 76 16.81 -6.46 -8.89
N GLU B 77 17.18 -6.28 -7.63
CA GLU B 77 18.34 -5.51 -7.34
C GLU B 77 19.51 -6.46 -7.13
N ILE B 78 20.34 -6.59 -8.15
CA ILE B 78 21.37 -7.59 -8.16
C ILE B 78 22.56 -7.21 -7.29
N SER B 79 22.90 -5.93 -7.27
CA SER B 79 23.96 -5.39 -6.43
C SER B 79 23.64 -3.94 -6.33
N LYS B 80 24.39 -3.17 -5.54
CA LYS B 80 24.08 -1.76 -5.44
C LYS B 80 24.49 -1.03 -6.73
N LEU B 81 25.31 -1.68 -7.54
CA LEU B 81 25.64 -1.16 -8.88
C LEU B 81 24.63 -1.56 -9.97
N HIS B 82 23.81 -2.57 -9.72
CA HIS B 82 23.11 -3.26 -10.81
C HIS B 82 21.67 -3.69 -10.46
N GLU B 83 20.69 -3.13 -11.17
CA GLU B 83 19.28 -3.55 -11.07
C GLU B 83 18.60 -3.78 -12.43
N GLU B 84 17.45 -4.44 -12.41
CA GLU B 84 16.71 -4.78 -13.61
C GLU B 84 15.26 -5.04 -13.30
N THR B 85 14.47 -5.00 -14.38
CA THR B 85 13.02 -5.09 -14.35
C THR B 85 12.55 -6.01 -15.48
N VAL B 86 11.73 -6.97 -15.12
CA VAL B 86 11.11 -7.83 -16.10
C VAL B 86 9.59 -7.66 -16.00
N ARG B 87 8.98 -7.38 -17.16
CA ARG B 87 7.55 -7.16 -17.28
C ARG B 87 6.87 -8.19 -18.24
N GLY B 88 5.62 -8.54 -17.94
CA GLY B 88 4.81 -9.43 -18.79
C GLY B 88 3.73 -10.11 -17.98
N SER B 89 3.12 -11.15 -18.54
CA SER B 89 2.07 -11.90 -17.85
C SER B 89 2.76 -12.89 -16.94
N LEU B 90 2.05 -13.42 -15.96
CA LEU B 90 2.64 -14.42 -15.08
C LEU B 90 3.36 -15.55 -15.86
N ALA B 91 2.72 -16.05 -16.91
CA ALA B 91 3.32 -17.10 -17.74
C ALA B 91 4.63 -16.65 -18.38
N GLU B 92 4.63 -15.45 -18.96
CA GLU B 92 5.86 -14.94 -19.57
C GLU B 92 6.93 -14.86 -18.52
N LEU B 93 6.55 -14.36 -17.35
CA LEU B 93 7.50 -14.19 -16.28
C LEU B 93 8.03 -15.54 -15.78
N ILE B 94 7.14 -16.50 -15.53
CA ILE B 94 7.54 -17.86 -15.09
C ILE B 94 8.54 -18.51 -16.06
N GLU B 95 8.27 -18.40 -17.36
CA GLU B 95 9.21 -18.90 -18.36
C GLU B 95 10.57 -18.16 -18.32
N HIS B 96 10.54 -16.86 -18.02
CA HIS B 96 11.77 -16.07 -17.94
C HIS B 96 12.59 -16.52 -16.71
N PHE B 97 11.93 -16.68 -15.58
CA PHE B 97 12.70 -17.03 -14.37
C PHE B 97 13.07 -18.50 -14.18
N THR B 98 12.68 -19.35 -15.13
CA THR B 98 13.05 -20.77 -15.14
C THR B 98 14.45 -20.93 -15.71
N ALA B 99 14.80 -19.98 -16.57
CA ALA B 99 15.97 -20.04 -17.41
C ALA B 99 17.16 -19.33 -16.79
N THR B 100 16.90 -18.44 -15.84
CA THR B 100 17.98 -17.74 -15.20
C THR B 100 18.20 -18.18 -13.77
N GLU B 101 19.28 -17.66 -13.23
CA GLU B 101 19.76 -17.96 -11.91
C GLU B 101 19.09 -17.03 -10.88
N PRO B 102 18.62 -17.58 -9.77
CA PRO B 102 17.96 -16.71 -8.79
C PRO B 102 18.93 -15.87 -7.94
N ARG B 103 18.65 -14.59 -7.84
CA ARG B 103 19.55 -13.67 -7.18
C ARG B 103 18.84 -12.34 -7.03
N GLY B 104 19.36 -11.53 -6.12
CA GLY B 104 18.94 -10.15 -5.99
C GLY B 104 17.80 -9.99 -5.03
N GLU B 105 17.55 -8.76 -4.62
CA GLU B 105 16.41 -8.45 -3.79
C GLU B 105 15.27 -8.14 -4.72
N ILE B 106 14.12 -8.74 -4.41
CA ILE B 106 13.01 -8.84 -5.34
C ILE B 106 11.77 -8.14 -4.84
N VAL B 107 11.19 -7.34 -5.73
CA VAL B 107 9.85 -6.76 -5.56
C VAL B 107 9.04 -7.26 -6.75
N ILE B 108 7.84 -7.74 -6.44
CA ILE B 108 6.86 -8.12 -7.43
C ILE B 108 5.67 -7.13 -7.36
N VAL B 109 5.39 -6.47 -8.47
CA VAL B 109 4.21 -5.68 -8.59
C VAL B 109 3.22 -6.47 -9.45
N LEU B 110 2.07 -6.75 -8.85
CA LEU B 110 1.03 -7.59 -9.43
C LEU B 110 -0.26 -6.81 -9.71
N ALA B 111 -0.68 -6.78 -10.96
CA ALA B 111 -1.95 -6.10 -11.28
C ALA B 111 -3.14 -6.81 -10.61
N GLY B 112 -4.12 -6.03 -10.12
CA GLY B 112 -5.34 -6.60 -9.52
C GLY B 112 -6.32 -7.09 -10.56
N ILE B 113 -7.39 -7.77 -10.12
CA ILE B 113 -8.47 -8.15 -11.02
C ILE B 113 -8.81 -6.81 -11.60
N ASP B 114 -8.87 -6.71 -12.91
CA ASP B 114 -8.83 -5.37 -13.49
C ASP B 114 -9.77 -4.35 -12.84
N ASP B 115 -11.03 -4.73 -12.56
CA ASP B 115 -12.04 -3.84 -11.94
C ASP B 115 -11.70 -3.29 -10.56
#